data_5L1Q
#
_entry.id   5L1Q
#
_cell.length_a   44.527
_cell.length_b   164.365
_cell.length_c   82.044
_cell.angle_alpha   90.000
_cell.angle_beta   90.000
_cell.angle_gamma   90.000
#
_symmetry.space_group_name_H-M   'P 21 21 2'
#
loop_
_entity.id
_entity.type
_entity.pdbx_description
1 polymer 'Pentalenolactone synthase'
2 non-polymer 'PROTOPORPHYRIN IX CONTAINING FE'
3 non-polymer 'Dihydropentalenolactone F'
4 water water
#
_entity_poly.entity_id   1
_entity_poly.type   'polypeptide(L)'
_entity_poly.pdbx_seq_one_letter_code
;GSHMTDLPRLPFDNPDIMGIAPQMLALQKEGPIARVGTAGEDAWLVTRYDEVRTLLADRRLRLSNPNPQPSAKSAARAFM
VALMAGDDHETEPARHAQMRSLLIPRFSTRRLRLMKTRIEHHVDELLDQLAASAPPVDLHRVLSFRLPTMVVCDLLGVPL
ADRERFGQWARGTFDQSDNEHSANTFQQVVDYMLELVARKRVEPGDDILSELIAEKDGALSDADIAHLGNAVLLFGYETT
IVRIDLGTLLLLRNPVQRAQLAEDPGLAPAAVEEILRLGVGGKGSNALIPRYAHGDITVGETVIRTGDAVMLAIGAANYD
DRAFPDGGLFDLTRVRPRSHLAFGHGARHCIGRTLARIELTAVFERLFRRLPDLRLAVPEESLRWQEHRITGGFDEIPVT
F
;
_entity_poly.pdbx_strand_id   A
#
loop_
_chem_comp.id
_chem_comp.type
_chem_comp.name
_chem_comp.formula
7DF non-polymer 'Dihydropentalenolactone F' 'C15 H20 O5'
HEM non-polymer 'PROTOPORPHYRIN IX CONTAINING FE' 'C34 H32 Fe N4 O4'
#
# COMPACT_ATOMS: atom_id res chain seq x y z
N THR A 5 9.65 -33.92 2.02
CA THR A 5 10.12 -32.95 1.02
C THR A 5 8.98 -32.54 0.09
N ASP A 6 8.48 -31.32 0.28
CA ASP A 6 7.34 -30.82 -0.46
C ASP A 6 7.59 -29.33 -0.65
N LEU A 7 7.93 -28.94 -1.87
CA LEU A 7 8.17 -27.53 -2.20
C LEU A 7 6.94 -26.71 -1.84
N PRO A 8 7.05 -25.74 -0.92
CA PRO A 8 5.89 -24.90 -0.61
C PRO A 8 5.54 -24.02 -1.81
N ARG A 9 4.24 -23.79 -2.00
CA ARG A 9 3.71 -23.12 -3.18
C ARG A 9 2.93 -21.87 -2.76
N LEU A 10 3.42 -20.70 -3.14
CA LEU A 10 2.68 -19.45 -2.97
C LEU A 10 1.57 -19.35 -4.02
N PRO A 11 0.41 -18.76 -3.66
CA PRO A 11 0.08 -18.19 -2.34
C PRO A 11 -0.38 -19.27 -1.37
N PHE A 12 -0.03 -19.12 -0.09
CA PHE A 12 -0.47 -20.06 0.93
C PHE A 12 -1.89 -19.75 1.40
N ASP A 13 -2.62 -20.82 1.73
CA ASP A 13 -3.95 -20.70 2.33
C ASP A 13 -3.91 -19.96 3.68
N ASN A 14 -4.93 -19.14 3.91
CA ASN A 14 -5.15 -18.51 5.21
C ASN A 14 -6.56 -18.82 5.65
N PRO A 15 -6.76 -19.57 6.74
CA PRO A 15 -8.13 -19.85 7.21
C PRO A 15 -8.82 -18.63 7.80
N ASP A 16 -8.08 -17.57 8.10
CA ASP A 16 -8.64 -16.35 8.64
C ASP A 16 -8.69 -15.31 7.53
N ILE A 17 -9.51 -14.28 7.74
CA ILE A 17 -9.58 -13.18 6.78
C ILE A 17 -8.44 -12.19 6.94
N MET A 18 -7.68 -12.25 8.03
CA MET A 18 -6.52 -11.39 8.21
C MET A 18 -5.37 -12.22 8.77
N GLY A 19 -4.20 -11.59 8.88
CA GLY A 19 -3.05 -12.24 9.48
C GLY A 19 -2.13 -12.87 8.44
N ILE A 20 -1.26 -13.76 8.90
CA ILE A 20 -0.28 -14.43 8.05
C ILE A 20 -0.68 -15.89 7.89
N ALA A 21 -0.46 -16.43 6.70
CA ALA A 21 -0.81 -17.83 6.45
C ALA A 21 -0.01 -18.75 7.37
N PRO A 22 -0.63 -19.77 7.96
CA PRO A 22 0.12 -20.69 8.84
C PRO A 22 1.40 -21.24 8.22
N GLN A 23 1.39 -21.63 6.93
CA GLN A 23 2.58 -22.21 6.32
C GLN A 23 3.72 -21.20 6.28
N MET A 24 3.41 -19.92 6.11
CA MET A 24 4.48 -18.94 6.08
C MET A 24 5.06 -18.73 7.47
N LEU A 25 4.23 -18.78 8.51
CA LEU A 25 4.74 -18.71 9.87
C LEU A 25 5.57 -19.95 10.20
N ALA A 26 5.17 -21.12 9.67
CA ALA A 26 5.95 -22.33 9.86
C ALA A 26 7.32 -22.21 9.20
N LEU A 27 7.38 -21.67 7.99
CA LEU A 27 8.67 -21.44 7.35
C LEU A 27 9.51 -20.44 8.15
N GLN A 28 8.88 -19.35 8.60
CA GLN A 28 9.57 -18.37 9.43
C GLN A 28 10.21 -19.03 10.67
N LYS A 29 9.51 -19.99 11.27
CA LYS A 29 10.05 -20.70 12.42
C LYS A 29 11.30 -21.48 12.05
N GLU A 30 11.33 -22.10 10.86
CA GLU A 30 12.47 -22.92 10.46
C GLU A 30 13.71 -22.07 10.20
N GLY A 31 13.54 -20.92 9.56
CA GLY A 31 14.67 -20.10 9.19
C GLY A 31 14.27 -18.87 8.39
N PRO A 32 15.23 -18.01 8.09
CA PRO A 32 14.90 -16.73 7.44
C PRO A 32 14.51 -16.85 5.97
N ILE A 33 14.97 -17.87 5.24
CA ILE A 33 14.80 -17.91 3.79
C ILE A 33 14.50 -19.33 3.32
N ALA A 34 13.52 -19.46 2.43
CA ALA A 34 13.14 -20.75 1.87
C ALA A 34 12.90 -20.61 0.37
N ARG A 35 13.18 -21.69 -0.35
CA ARG A 35 12.82 -21.82 -1.75
C ARG A 35 11.35 -22.24 -1.86
N VAL A 36 10.58 -21.53 -2.68
CA VAL A 36 9.15 -21.78 -2.82
C VAL A 36 8.78 -21.75 -4.29
N GLY A 37 7.68 -22.41 -4.63
CA GLY A 37 7.09 -22.24 -5.93
C GLY A 37 6.14 -21.06 -5.90
N THR A 38 5.81 -20.54 -7.09
CA THR A 38 4.77 -19.51 -7.20
C THR A 38 3.91 -19.81 -8.42
N ALA A 39 2.98 -18.90 -8.72
CA ALA A 39 2.20 -19.01 -9.95
C ALA A 39 3.11 -18.93 -11.18
N GLY A 40 4.19 -18.16 -11.09
CA GLY A 40 5.16 -18.04 -12.16
C GLY A 40 6.47 -18.74 -11.84
N GLU A 41 7.54 -17.97 -11.71
CA GLU A 41 8.82 -18.62 -11.45
C GLU A 41 9.00 -18.93 -9.96
N ASP A 42 9.89 -19.88 -9.70
CA ASP A 42 10.30 -20.14 -8.33
C ASP A 42 11.04 -18.93 -7.76
N ALA A 43 11.02 -18.80 -6.45
CA ALA A 43 11.64 -17.64 -5.82
C ALA A 43 12.13 -18.01 -4.43
N TRP A 44 13.07 -17.21 -3.91
CA TRP A 44 13.42 -17.30 -2.50
C TRP A 44 12.46 -16.44 -1.67
N LEU A 45 11.87 -17.03 -0.62
CA LEU A 45 10.96 -16.33 0.27
C LEU A 45 11.67 -16.01 1.57
N VAL A 46 11.74 -14.73 1.93
CA VAL A 46 12.44 -14.26 3.11
C VAL A 46 11.38 -13.75 4.09
N THR A 47 11.35 -14.34 5.29
CA THR A 47 10.21 -14.15 6.19
C THR A 47 10.56 -13.52 7.54
N ARG A 48 11.83 -13.41 7.90
CA ARG A 48 12.21 -12.88 9.20
C ARG A 48 12.56 -11.40 9.09
N TYR A 49 12.19 -10.64 10.13
CA TYR A 49 12.34 -9.20 10.12
C TYR A 49 13.77 -8.75 9.79
N ASP A 50 14.75 -9.28 10.53
CA ASP A 50 16.13 -8.81 10.37
C ASP A 50 16.60 -8.95 8.93
N GLU A 51 16.33 -10.11 8.33
CA GLU A 51 16.82 -10.38 6.98
C GLU A 51 16.02 -9.62 5.92
N VAL A 52 14.71 -9.45 6.12
CA VAL A 52 13.94 -8.66 5.14
C VAL A 52 14.39 -7.20 5.16
N ARG A 53 14.59 -6.64 6.35
CA ARG A 53 15.02 -5.25 6.44
C ARG A 53 16.39 -5.06 5.83
N THR A 54 17.30 -6.01 6.08
CA THR A 54 18.63 -5.95 5.49
C THR A 54 18.58 -6.04 3.97
N LEU A 55 17.77 -6.95 3.44
CA LEU A 55 17.76 -7.15 1.99
C LEU A 55 17.09 -5.99 1.26
N LEU A 56 16.12 -5.33 1.89
CA LEU A 56 15.49 -4.15 1.30
C LEU A 56 16.49 -3.00 1.14
N ALA A 57 17.50 -2.95 1.99
CA ALA A 57 18.53 -1.92 1.92
C ALA A 57 19.76 -2.37 1.11
N ASP A 58 19.71 -3.55 0.50
CA ASP A 58 20.83 -4.08 -0.29
C ASP A 58 20.64 -3.69 -1.75
N ARG A 59 21.56 -2.89 -2.27
CA ARG A 59 21.39 -2.39 -3.64
C ARG A 59 21.61 -3.47 -4.70
N ARG A 60 22.14 -4.63 -4.33
CA ARG A 60 22.20 -5.74 -5.28
C ARG A 60 20.84 -6.34 -5.58
N LEU A 61 19.82 -6.01 -4.78
CA LEU A 61 18.47 -6.51 -4.94
C LEU A 61 17.59 -5.38 -5.47
N ARG A 62 17.04 -5.55 -6.67
CA ARG A 62 16.37 -4.46 -7.36
C ARG A 62 15.05 -4.95 -7.95
N LEU A 63 14.15 -3.99 -8.22
CA LEU A 63 12.86 -4.34 -8.79
C LEU A 63 13.01 -4.91 -10.19
N SER A 64 13.95 -4.39 -10.99
CA SER A 64 14.04 -4.73 -12.40
C SER A 64 14.60 -6.14 -12.63
N ASN A 65 14.16 -6.75 -13.73
CA ASN A 65 14.57 -8.12 -14.08
C ASN A 65 15.82 -8.08 -14.94
N PRO A 66 16.95 -8.63 -14.47
CA PRO A 66 18.17 -8.63 -15.28
C PRO A 66 18.29 -9.81 -16.23
N ASN A 67 17.38 -10.77 -16.18
CA ASN A 67 17.61 -12.01 -16.91
C ASN A 67 17.47 -11.80 -18.42
N PRO A 68 18.24 -12.54 -19.21
CA PRO A 68 18.24 -12.29 -20.67
C PRO A 68 16.89 -12.51 -21.31
N GLN A 69 16.17 -13.55 -20.91
CA GLN A 69 14.82 -13.77 -21.41
C GLN A 69 13.89 -13.85 -20.21
N PRO A 70 13.19 -12.78 -19.87
CA PRO A 70 12.47 -12.72 -18.60
C PRO A 70 11.16 -13.48 -18.68
N SER A 71 10.77 -14.02 -17.52
CA SER A 71 9.49 -14.69 -17.39
C SER A 71 8.35 -13.73 -17.71
N ALA A 72 7.27 -14.26 -18.28
CA ALA A 72 6.11 -13.45 -18.61
C ALA A 72 5.41 -12.96 -17.34
N LYS A 73 4.88 -11.74 -17.41
CA LYS A 73 4.13 -11.16 -16.30
C LYS A 73 2.72 -10.82 -16.76
N SER A 74 1.80 -10.75 -15.79
CA SER A 74 0.50 -10.18 -16.08
C SER A 74 0.65 -8.74 -16.54
N ALA A 75 -0.30 -8.27 -17.34
CA ALA A 75 -0.34 -6.87 -17.72
C ALA A 75 -0.33 -5.97 -16.49
N ALA A 76 -1.08 -6.36 -15.46
CA ALA A 76 -1.15 -5.57 -14.22
C ALA A 76 0.23 -5.34 -13.64
N ARG A 77 1.00 -6.42 -13.44
CA ARG A 77 2.34 -6.31 -12.88
C ARG A 77 3.28 -5.52 -13.78
N ALA A 78 3.15 -5.71 -15.11
CA ALA A 78 3.99 -4.97 -16.05
C ALA A 78 3.75 -3.46 -15.92
N PHE A 79 2.47 -3.06 -15.81
CA PHE A 79 2.17 -1.64 -15.63
C PHE A 79 2.73 -1.13 -14.32
N MET A 80 2.55 -1.91 -13.24
CA MET A 80 3.10 -1.51 -11.95
C MET A 80 4.60 -1.27 -12.05
N VAL A 81 5.34 -2.24 -12.62
CA VAL A 81 6.79 -2.14 -12.68
C VAL A 81 7.23 -0.96 -13.55
N ALA A 82 6.49 -0.69 -14.63
CA ALA A 82 6.82 0.45 -15.48
C ALA A 82 6.57 1.78 -14.75
N LEU A 83 5.45 1.88 -14.03
CA LEU A 83 5.20 3.09 -13.23
C LEU A 83 6.29 3.30 -12.18
N MET A 84 6.95 2.22 -11.74
CA MET A 84 8.05 2.34 -10.79
C MET A 84 9.42 2.43 -11.46
N ALA A 85 9.46 2.67 -12.77
CA ALA A 85 10.71 2.81 -13.53
C ALA A 85 11.60 1.57 -13.42
N GLY A 86 11.00 0.39 -13.28
CA GLY A 86 11.74 -0.84 -13.19
C GLY A 86 11.63 -1.73 -14.42
N ASP A 87 11.05 -1.24 -15.51
CA ASP A 87 10.83 -2.08 -16.67
C ASP A 87 12.08 -2.34 -17.48
N ASP A 88 13.16 -1.57 -17.27
CA ASP A 88 14.41 -1.73 -18.02
C ASP A 88 15.58 -1.72 -17.04
N HIS A 89 16.19 -2.88 -16.82
CA HIS A 89 17.25 -2.97 -15.80
C HIS A 89 18.44 -2.08 -16.13
N GLU A 90 18.66 -1.75 -17.40
CA GLU A 90 19.82 -0.94 -17.75
C GLU A 90 19.59 0.54 -17.44
N THR A 91 18.35 1.02 -17.51
CA THR A 91 18.08 2.42 -17.26
C THR A 91 17.44 2.67 -15.91
N GLU A 92 17.12 1.61 -15.17
CA GLU A 92 16.48 1.79 -13.87
C GLU A 92 17.26 2.66 -12.90
N PRO A 93 18.60 2.56 -12.77
CA PRO A 93 19.29 3.43 -11.80
C PRO A 93 19.06 4.92 -12.03
N ALA A 94 19.23 5.39 -13.27
CA ALA A 94 19.02 6.81 -13.56
C ALA A 94 17.55 7.18 -13.53
N ARG A 95 16.68 6.33 -14.10
CA ARG A 95 15.26 6.64 -14.13
C ARG A 95 14.65 6.61 -12.74
N HIS A 96 15.01 5.61 -11.93
CA HIS A 96 14.43 5.55 -10.59
C HIS A 96 14.93 6.70 -9.72
N ALA A 97 16.22 7.03 -9.84
CA ALA A 97 16.77 8.16 -9.09
C ALA A 97 16.03 9.45 -9.46
N GLN A 98 15.74 9.66 -10.75
CA GLN A 98 15.03 10.87 -11.14
C GLN A 98 13.60 10.86 -10.61
N MET A 99 12.94 9.70 -10.65
CA MET A 99 11.58 9.57 -10.13
C MET A 99 11.50 10.03 -8.68
N ARG A 100 12.39 9.53 -7.82
CA ARG A 100 12.32 9.89 -6.40
C ARG A 100 12.72 11.34 -6.19
N SER A 101 13.68 11.84 -6.97
CA SER A 101 14.09 13.24 -6.85
CA SER A 101 14.09 13.24 -6.85
C SER A 101 12.93 14.18 -7.17
N LEU A 102 12.09 13.82 -8.13
CA LEU A 102 11.01 14.68 -8.56
C LEU A 102 9.76 14.53 -7.67
N LEU A 103 9.55 13.36 -7.06
CA LEU A 103 8.34 13.13 -6.26
C LEU A 103 8.50 13.52 -4.79
N ILE A 104 9.67 13.26 -4.20
CA ILE A 104 9.86 13.52 -2.76
C ILE A 104 9.56 14.98 -2.38
N PRO A 105 10.04 15.98 -3.11
CA PRO A 105 9.74 17.37 -2.72
C PRO A 105 8.30 17.79 -2.99
N ARG A 106 7.49 16.91 -3.60
CA ARG A 106 6.07 17.20 -3.72
C ARG A 106 5.33 16.95 -2.41
N PHE A 107 5.97 16.30 -1.45
CA PHE A 107 5.33 15.99 -0.18
C PHE A 107 6.02 16.79 0.90
N SER A 108 6.09 18.10 0.71
CA SER A 108 6.81 19.00 1.60
C SER A 108 6.03 19.19 2.90
N THR A 109 6.75 19.67 3.91
CA THR A 109 6.13 19.99 5.19
C THR A 109 5.00 21.01 5.02
N ARG A 110 5.16 21.98 4.12
CA ARG A 110 4.10 22.95 3.89
C ARG A 110 2.85 22.28 3.34
N ARG A 111 3.01 21.42 2.33
CA ARG A 111 1.85 20.76 1.76
C ARG A 111 1.19 19.83 2.77
N LEU A 112 1.99 19.09 3.52
CA LEU A 112 1.44 18.13 4.47
C LEU A 112 0.70 18.83 5.61
N ARG A 113 1.22 19.97 6.09
CA ARG A 113 0.51 20.73 7.10
C ARG A 113 -0.86 21.20 6.59
N LEU A 114 -0.90 21.77 5.38
CA LEU A 114 -2.19 22.21 4.82
C LEU A 114 -3.13 21.02 4.62
N MET A 115 -2.60 19.90 4.18
CA MET A 115 -3.48 18.78 3.88
C MET A 115 -3.99 18.10 5.15
N LYS A 116 -3.18 18.07 6.22
CA LYS A 116 -3.66 17.53 7.49
C LYS A 116 -4.92 18.27 7.96
N THR A 117 -4.93 19.60 7.86
CA THR A 117 -6.11 20.37 8.28
C THR A 117 -7.34 20.01 7.45
N ARG A 118 -7.18 19.92 6.13
CA ARG A 118 -8.31 19.58 5.27
C ARG A 118 -8.78 18.15 5.51
N ILE A 119 -7.82 17.23 5.69
CA ILE A 119 -8.15 15.84 5.98
C ILE A 119 -8.98 15.74 7.25
N GLU A 120 -8.60 16.50 8.29
CA GLU A 120 -9.31 16.43 9.55
C GLU A 120 -10.76 16.90 9.42
N HIS A 121 -10.99 18.05 8.79
CA HIS A 121 -12.36 18.51 8.57
C HIS A 121 -13.14 17.53 7.70
N HIS A 122 -12.50 16.96 6.69
CA HIS A 122 -13.20 16.03 5.80
C HIS A 122 -13.65 14.78 6.54
N VAL A 123 -12.79 14.24 7.42
CA VAL A 123 -13.19 13.07 8.21
C VAL A 123 -14.36 13.44 9.12
N ASP A 124 -14.31 14.61 9.75
CA ASP A 124 -15.43 15.10 10.56
C ASP A 124 -16.73 15.09 9.75
N GLU A 125 -16.67 15.59 8.51
CA GLU A 125 -17.87 15.63 7.67
C GLU A 125 -18.29 14.24 7.24
N LEU A 126 -17.31 13.38 6.90
CA LEU A 126 -17.63 12.01 6.51
C LEU A 126 -18.34 11.27 7.64
N LEU A 127 -17.87 11.47 8.88
CA LEU A 127 -18.44 10.74 10.01
C LEU A 127 -19.80 11.30 10.40
N ASP A 128 -20.01 12.61 10.22
CA ASP A 128 -21.33 13.16 10.47
C ASP A 128 -22.35 12.59 9.49
N GLN A 129 -21.98 12.45 8.20
CA GLN A 129 -22.88 11.80 7.25
C GLN A 129 -23.14 10.35 7.63
N LEU A 130 -22.08 9.64 8.04
CA LEU A 130 -22.24 8.25 8.46
C LEU A 130 -23.18 8.15 9.67
N ALA A 131 -22.96 8.99 10.69
CA ALA A 131 -23.79 8.96 11.89
C ALA A 131 -25.24 9.33 11.61
N ALA A 132 -25.50 10.15 10.60
CA ALA A 132 -26.87 10.52 10.30
C ALA A 132 -27.62 9.47 9.46
N SER A 133 -26.95 8.43 9.00
CA SER A 133 -27.60 7.47 8.11
C SER A 133 -28.14 6.27 8.90
N ALA A 134 -28.97 5.46 8.22
CA ALA A 134 -29.64 4.31 8.82
C ALA A 134 -28.85 3.03 8.54
N PRO A 135 -28.39 2.31 9.55
CA PRO A 135 -27.67 1.06 9.31
C PRO A 135 -28.59 -0.01 8.75
N PRO A 136 -28.05 -1.01 8.02
CA PRO A 136 -26.64 -1.23 7.70
C PRO A 136 -26.07 -0.31 6.60
N VAL A 137 -24.85 0.15 6.82
CA VAL A 137 -24.12 1.04 5.91
C VAL A 137 -22.84 0.33 5.48
N ASP A 138 -22.43 0.55 4.23
CA ASP A 138 -21.13 0.06 3.74
C ASP A 138 -20.04 1.05 4.14
N LEU A 139 -19.32 0.74 5.24
CA LEU A 139 -18.26 1.64 5.70
C LEU A 139 -17.17 1.81 4.64
N HIS A 140 -16.94 0.79 3.82
CA HIS A 140 -15.89 0.91 2.80
C HIS A 140 -16.25 1.98 1.77
N ARG A 141 -17.52 2.02 1.34
CA ARG A 141 -17.94 2.97 0.33
C ARG A 141 -17.96 4.41 0.85
N VAL A 142 -18.42 4.61 2.10
CA VAL A 142 -18.72 5.96 2.59
C VAL A 142 -17.63 6.55 3.46
N LEU A 143 -16.61 5.78 3.82
CA LEU A 143 -15.52 6.32 4.63
C LEU A 143 -14.18 5.89 4.04
N SER A 144 -13.91 4.58 4.04
CA SER A 144 -12.61 4.08 3.58
C SER A 144 -12.25 4.58 2.19
N PHE A 145 -13.19 4.49 1.26
CA PHE A 145 -12.94 4.91 -0.12
C PHE A 145 -12.86 6.42 -0.25
N ARG A 146 -13.64 7.15 0.55
CA ARG A 146 -13.84 8.58 0.28
C ARG A 146 -12.67 9.45 0.73
N LEU A 147 -12.06 9.14 1.89
CA LEU A 147 -11.00 10.05 2.34
C LEU A 147 -9.75 9.98 1.47
N PRO A 148 -9.20 8.80 1.13
CA PRO A 148 -7.97 8.79 0.32
C PRO A 148 -8.17 9.27 -1.10
N THR A 149 -9.37 9.10 -1.68
CA THR A 149 -9.59 9.64 -3.01
C THR A 149 -9.73 11.16 -2.95
N MET A 150 -10.36 11.70 -1.89
CA MET A 150 -10.32 13.15 -1.66
C MET A 150 -8.88 13.67 -1.68
N VAL A 151 -7.98 12.99 -0.94
CA VAL A 151 -6.60 13.41 -0.83
C VAL A 151 -5.92 13.43 -2.21
N VAL A 152 -6.12 12.39 -3.02
CA VAL A 152 -5.51 12.39 -4.36
C VAL A 152 -6.08 13.51 -5.23
N CYS A 153 -7.39 13.78 -5.13
CA CYS A 153 -7.95 14.95 -5.83
C CYS A 153 -7.24 16.23 -5.43
N ASP A 154 -6.92 16.37 -4.13
CA ASP A 154 -6.20 17.55 -3.64
C ASP A 154 -4.77 17.59 -4.17
N LEU A 155 -4.08 16.45 -4.17
CA LEU A 155 -2.70 16.39 -4.67
C LEU A 155 -2.63 16.80 -6.13
N LEU A 156 -3.58 16.34 -6.94
CA LEU A 156 -3.60 16.61 -8.37
C LEU A 156 -4.31 17.91 -8.73
N GLY A 157 -4.98 18.56 -7.78
CA GLY A 157 -5.71 19.79 -8.06
C GLY A 157 -6.88 19.64 -9.00
N VAL A 158 -7.73 18.65 -8.76
CA VAL A 158 -8.92 18.40 -9.57
C VAL A 158 -10.15 18.43 -8.67
N PRO A 159 -11.33 18.68 -9.23
CA PRO A 159 -12.56 18.64 -8.41
C PRO A 159 -12.77 17.28 -7.77
N LEU A 160 -13.34 17.29 -6.57
CA LEU A 160 -13.58 16.05 -5.83
C LEU A 160 -14.40 15.05 -6.64
N ALA A 161 -15.35 15.52 -7.45
CA ALA A 161 -16.15 14.61 -8.27
C ALA A 161 -15.30 13.78 -9.23
N ASP A 162 -14.05 14.18 -9.51
CA ASP A 162 -13.20 13.38 -10.41
C ASP A 162 -12.92 12.01 -9.85
N ARG A 163 -12.95 11.84 -8.53
CA ARG A 163 -12.69 10.51 -7.99
C ARG A 163 -13.81 9.53 -8.33
N GLU A 164 -15.02 10.02 -8.65
CA GLU A 164 -16.02 9.10 -9.17
C GLU A 164 -15.65 8.64 -10.57
N ARG A 165 -14.77 9.37 -11.25
CA ARG A 165 -14.24 8.94 -12.54
C ARG A 165 -13.10 7.94 -12.36
N PHE A 166 -12.15 8.23 -11.47
CA PHE A 166 -10.93 7.42 -11.40
C PHE A 166 -10.88 6.43 -10.23
N GLY A 167 -11.94 6.34 -9.41
CA GLY A 167 -11.85 5.63 -8.14
C GLY A 167 -11.70 4.11 -8.22
N GLN A 168 -12.01 3.49 -9.36
CA GLN A 168 -11.80 2.05 -9.56
C GLN A 168 -10.63 1.73 -10.46
N TRP A 169 -9.84 2.74 -10.87
CA TRP A 169 -8.82 2.52 -11.89
C TRP A 169 -7.60 1.79 -11.36
N ALA A 170 -7.28 1.93 -10.07
CA ALA A 170 -6.16 1.17 -9.52
C ALA A 170 -6.52 -0.31 -9.46
N ARG A 171 -7.72 -0.64 -8.98
CA ARG A 171 -8.20 -2.01 -8.99
C ARG A 171 -8.17 -2.61 -10.39
N GLY A 172 -8.67 -1.86 -11.38
CA GLY A 172 -8.77 -2.40 -12.73
C GLY A 172 -7.40 -2.52 -13.39
N THR A 173 -6.56 -1.51 -13.23
CA THR A 173 -5.21 -1.60 -13.78
C THR A 173 -4.47 -2.77 -13.17
N PHE A 174 -4.70 -3.03 -11.88
CA PHE A 174 -3.94 -4.05 -11.19
C PHE A 174 -4.70 -5.36 -11.07
N ASP A 175 -5.68 -5.60 -11.95
CA ASP A 175 -6.39 -6.88 -12.02
C ASP A 175 -5.51 -7.90 -12.76
N GLN A 176 -4.89 -8.81 -12.00
CA GLN A 176 -4.00 -9.82 -12.56
C GLN A 176 -4.76 -10.91 -13.32
N SER A 177 -6.07 -11.03 -13.13
CA SER A 177 -6.83 -12.09 -13.78
C SER A 177 -7.29 -11.75 -15.20
N ASP A 178 -7.13 -10.49 -15.64
CA ASP A 178 -7.70 -10.09 -16.93
C ASP A 178 -6.77 -9.07 -17.58
N ASN A 179 -5.87 -9.56 -18.44
CA ASN A 179 -4.91 -8.67 -19.09
C ASN A 179 -5.61 -7.61 -19.93
N GLU A 180 -6.74 -7.97 -20.57
CA GLU A 180 -7.43 -7.01 -21.44
C GLU A 180 -8.09 -5.91 -20.63
N HIS A 181 -8.76 -6.27 -19.53
CA HIS A 181 -9.32 -5.27 -18.63
C HIS A 181 -8.23 -4.35 -18.07
N SER A 182 -7.09 -4.94 -17.66
CA SER A 182 -5.99 -4.15 -17.12
C SER A 182 -5.53 -3.08 -18.11
N ALA A 183 -5.31 -3.48 -19.37
CA ALA A 183 -4.80 -2.55 -20.38
C ALA A 183 -5.85 -1.50 -20.74
N ASN A 184 -7.12 -1.90 -20.84
CA ASN A 184 -8.16 -0.93 -21.15
C ASN A 184 -8.30 0.09 -20.03
N THR A 185 -8.14 -0.34 -18.77
CA THR A 185 -8.25 0.60 -17.66
C THR A 185 -7.05 1.54 -17.63
N PHE A 186 -5.84 0.99 -17.85
CA PHE A 186 -4.66 1.85 -17.84
C PHE A 186 -4.71 2.88 -18.96
N GLN A 187 -5.31 2.54 -20.10
CA GLN A 187 -5.49 3.51 -21.18
C GLN A 187 -6.35 4.68 -20.72
N GLN A 188 -7.40 4.40 -19.93
CA GLN A 188 -8.23 5.47 -19.39
C GLN A 188 -7.45 6.35 -18.43
N VAL A 189 -6.60 5.72 -17.60
CA VAL A 189 -5.76 6.48 -16.67
C VAL A 189 -4.85 7.40 -17.45
N VAL A 190 -4.22 6.87 -18.50
CA VAL A 190 -3.29 7.63 -19.34
C VAL A 190 -4.01 8.82 -20.00
N ASP A 191 -5.16 8.57 -20.61
CA ASP A 191 -5.89 9.64 -21.29
C ASP A 191 -6.26 10.74 -20.32
N TYR A 192 -6.74 10.36 -19.14
CA TYR A 192 -7.11 11.32 -18.10
C TYR A 192 -5.91 12.19 -17.71
N MET A 193 -4.77 11.55 -17.49
CA MET A 193 -3.64 12.27 -16.94
C MET A 193 -3.02 13.19 -17.99
N LEU A 194 -3.02 12.77 -19.26
CA LEU A 194 -2.57 13.64 -20.34
C LEU A 194 -3.48 14.86 -20.49
N GLU A 195 -4.81 14.66 -20.46
CA GLU A 195 -5.75 15.77 -20.36
C GLU A 195 -5.37 16.72 -19.23
N LEU A 196 -5.07 16.15 -18.06
CA LEU A 196 -4.79 16.96 -16.89
C LEU A 196 -3.50 17.75 -17.04
N VAL A 197 -2.46 17.14 -17.60
CA VAL A 197 -1.18 17.83 -17.76
C VAL A 197 -1.34 18.99 -18.74
N ALA A 198 -2.11 18.79 -19.81
CA ALA A 198 -2.34 19.88 -20.76
C ALA A 198 -3.11 21.03 -20.11
N ARG A 199 -4.06 20.72 -19.21
CA ARG A 199 -4.78 21.81 -18.55
C ARG A 199 -3.87 22.56 -17.58
N LYS A 200 -3.06 21.82 -16.80
CA LYS A 200 -2.21 22.44 -15.80
C LYS A 200 -1.12 23.29 -16.43
N ARG A 201 -0.83 23.08 -17.71
CA ARG A 201 0.13 23.92 -18.43
C ARG A 201 -0.38 25.34 -18.64
N VAL A 202 -1.69 25.55 -18.78
CA VAL A 202 -2.25 26.88 -18.92
C VAL A 202 -3.01 27.33 -17.69
N GLU A 203 -3.36 26.42 -16.78
CA GLU A 203 -4.16 26.73 -15.60
C GLU A 203 -3.57 26.02 -14.38
N PRO A 204 -2.35 26.40 -13.99
CA PRO A 204 -1.74 25.75 -12.81
C PRO A 204 -2.41 26.19 -11.52
N GLY A 205 -2.17 25.40 -10.47
CA GLY A 205 -2.57 25.77 -9.13
C GLY A 205 -1.56 25.26 -8.12
N ASP A 206 -1.95 25.15 -6.85
CA ASP A 206 -1.04 24.64 -5.81
C ASP A 206 -1.23 23.12 -5.76
N ASP A 207 -0.57 22.44 -6.69
CA ASP A 207 -0.76 21.00 -6.84
C ASP A 207 0.49 20.41 -7.48
N ILE A 208 0.48 19.09 -7.60
CA ILE A 208 1.71 18.34 -7.87
C ILE A 208 2.13 18.51 -9.33
N LEU A 209 1.18 18.44 -10.26
CA LEU A 209 1.54 18.52 -11.67
C LEU A 209 2.01 19.92 -12.04
N SER A 210 1.41 20.95 -11.43
CA SER A 210 1.89 22.31 -11.67
C SER A 210 3.34 22.47 -11.25
N GLU A 211 3.72 21.88 -10.10
CA GLU A 211 5.11 21.94 -9.66
C GLU A 211 6.03 21.15 -10.58
N LEU A 212 5.58 19.98 -11.06
CA LEU A 212 6.36 19.23 -12.04
C LEU A 212 6.54 20.01 -13.33
N ILE A 213 5.49 20.69 -13.80
CA ILE A 213 5.59 21.48 -15.02
C ILE A 213 6.61 22.60 -14.86
N ALA A 214 6.65 23.25 -13.70
CA ALA A 214 7.61 24.32 -13.45
C ALA A 214 9.03 23.81 -13.21
N GLU A 215 9.22 22.50 -13.03
CA GLU A 215 10.49 21.97 -12.59
C GLU A 215 11.54 22.03 -13.69
N LYS A 216 12.74 22.48 -13.34
CA LYS A 216 13.90 22.55 -14.23
C LYS A 216 13.58 23.40 -15.47
N ASP A 217 13.16 24.64 -15.20
CA ASP A 217 12.62 25.57 -16.19
C ASP A 217 11.73 24.88 -17.22
N GLY A 218 10.94 23.89 -16.77
CA GLY A 218 10.04 23.21 -17.67
C GLY A 218 10.68 22.19 -18.58
N ALA A 219 11.74 21.52 -18.12
CA ALA A 219 12.47 20.56 -18.96
C ALA A 219 11.79 19.21 -19.11
N LEU A 220 10.77 18.90 -18.31
CA LEU A 220 10.15 17.59 -18.38
C LEU A 220 9.10 17.55 -19.48
N SER A 221 9.05 16.44 -20.20
CA SER A 221 8.04 16.27 -21.24
C SER A 221 6.68 16.00 -20.60
N ASP A 222 5.62 16.19 -21.39
CA ASP A 222 4.27 15.83 -20.93
C ASP A 222 4.21 14.35 -20.54
N ALA A 223 4.87 13.49 -21.32
CA ALA A 223 4.90 12.06 -20.99
C ALA A 223 5.60 11.81 -19.66
N ASP A 224 6.73 12.48 -19.42
CA ASP A 224 7.42 12.34 -18.14
C ASP A 224 6.51 12.73 -16.98
N ILE A 225 5.82 13.87 -17.10
CA ILE A 225 4.99 14.36 -16.00
C ILE A 225 3.80 13.45 -15.78
N ALA A 226 3.14 13.03 -16.87
CA ALA A 226 1.98 12.15 -16.74
C ALA A 226 2.36 10.81 -16.11
N HIS A 227 3.55 10.29 -16.44
CA HIS A 227 4.06 9.09 -15.77
C HIS A 227 4.07 9.28 -14.26
N LEU A 228 4.68 10.37 -13.80
CA LEU A 228 4.75 10.64 -12.36
C LEU A 228 3.37 10.82 -11.76
N GLY A 229 2.48 11.52 -12.46
CA GLY A 229 1.12 11.67 -11.95
C GLY A 229 0.34 10.37 -11.93
N ASN A 230 0.62 9.48 -12.89
CA ASN A 230 -0.03 8.17 -12.89
C ASN A 230 0.40 7.35 -11.70
N ALA A 231 1.69 7.43 -11.34
CA ALA A 231 2.17 6.76 -10.15
C ALA A 231 1.48 7.28 -8.90
N VAL A 232 1.28 8.61 -8.81
CA VAL A 232 0.57 9.18 -7.67
C VAL A 232 -0.88 8.71 -7.65
N LEU A 233 -1.53 8.72 -8.81
CA LEU A 233 -2.94 8.34 -8.87
C LEU A 233 -3.14 6.85 -8.54
N LEU A 234 -2.29 5.99 -9.09
CA LEU A 234 -2.45 4.54 -8.96
C LEU A 234 -1.87 3.97 -7.68
N PHE A 235 -0.83 4.58 -7.11
CA PHE A 235 -0.31 4.14 -5.83
C PHE A 235 -0.86 4.95 -4.66
N GLY A 236 -1.50 6.09 -4.92
CA GLY A 236 -1.77 7.04 -3.87
C GLY A 236 -3.13 6.99 -3.18
N TYR A 237 -4.05 6.09 -3.55
CA TYR A 237 -5.25 5.99 -2.71
C TYR A 237 -5.65 4.55 -2.36
N GLU A 238 -5.51 3.59 -3.29
CA GLU A 238 -6.10 2.26 -3.07
C GLU A 238 -5.52 1.57 -1.85
N THR A 239 -4.19 1.58 -1.72
N THR A 239 -4.18 1.58 -1.71
CA THR A 239 -3.55 0.93 -0.58
CA THR A 239 -3.59 0.91 -0.55
C THR A 239 -4.00 1.58 0.73
C THR A 239 -4.00 1.57 0.76
N THR A 240 -4.19 2.91 0.75
CA THR A 240 -4.69 3.58 1.95
C THR A 240 -6.14 3.16 2.28
N ILE A 241 -6.98 3.04 1.25
CA ILE A 241 -8.34 2.55 1.46
C ILE A 241 -8.31 1.23 2.22
N VAL A 242 -7.50 0.29 1.73
CA VAL A 242 -7.36 -1.04 2.33
C VAL A 242 -6.89 -0.95 3.77
N ARG A 243 -6.04 0.02 4.12
CA ARG A 243 -5.58 0.10 5.51
C ARG A 243 -6.65 0.66 6.44
N ILE A 244 -7.53 1.52 5.94
CA ILE A 244 -8.67 1.97 6.74
C ILE A 244 -9.62 0.80 7.03
N ASP A 245 -9.92 0.00 6.00
CA ASP A 245 -10.71 -1.21 6.22
C ASP A 245 -10.04 -2.16 7.22
N LEU A 246 -8.75 -2.48 7.00
CA LEU A 246 -8.04 -3.40 7.90
C LEU A 246 -7.92 -2.84 9.33
N GLY A 247 -7.59 -1.55 9.46
CA GLY A 247 -7.53 -0.95 10.77
C GLY A 247 -8.87 -1.00 11.52
N THR A 248 -9.96 -0.74 10.82
CA THR A 248 -11.28 -0.86 11.43
C THR A 248 -11.53 -2.28 11.89
N LEU A 249 -11.25 -3.25 11.02
CA LEU A 249 -11.47 -4.66 11.38
C LEU A 249 -10.60 -5.06 12.56
N LEU A 250 -9.35 -4.61 12.58
CA LEU A 250 -8.45 -4.93 13.69
C LEU A 250 -8.96 -4.34 15.00
N LEU A 251 -9.41 -3.08 14.98
CA LEU A 251 -9.90 -2.47 16.20
C LEU A 251 -11.20 -3.13 16.68
N LEU A 252 -12.04 -3.58 15.74
CA LEU A 252 -13.25 -4.33 16.12
C LEU A 252 -12.90 -5.64 16.83
N ARG A 253 -11.78 -6.29 16.46
CA ARG A 253 -11.33 -7.51 17.12
C ARG A 253 -10.74 -7.28 18.51
N ASN A 254 -10.38 -6.05 18.85
CA ASN A 254 -9.62 -5.77 20.06
C ASN A 254 -10.35 -4.69 20.85
N PRO A 255 -11.47 -5.06 21.50
CA PRO A 255 -12.32 -4.05 22.14
C PRO A 255 -11.62 -3.27 23.26
N VAL A 256 -10.68 -3.89 23.98
CA VAL A 256 -10.00 -3.17 25.05
C VAL A 256 -9.14 -2.04 24.49
N GLN A 257 -8.34 -2.34 23.47
CA GLN A 257 -7.55 -1.30 22.82
C GLN A 257 -8.45 -0.26 22.15
N ARG A 258 -9.56 -0.72 21.55
CA ARG A 258 -10.51 0.19 20.92
CA ARG A 258 -10.51 0.19 20.92
C ARG A 258 -11.08 1.17 21.95
N ALA A 259 -11.48 0.66 23.12
CA ALA A 259 -11.99 1.55 24.16
C ALA A 259 -10.91 2.52 24.66
N GLN A 260 -9.67 2.05 24.75
CA GLN A 260 -8.55 2.92 25.13
C GLN A 260 -8.41 4.09 24.16
N LEU A 261 -8.47 3.78 22.86
CA LEU A 261 -8.32 4.79 21.81
C LEU A 261 -9.49 5.76 21.80
N ALA A 262 -10.73 5.25 21.93
CA ALA A 262 -11.89 6.12 22.05
C ALA A 262 -11.75 7.08 23.21
N GLU A 263 -11.25 6.60 24.36
CA GLU A 263 -11.08 7.46 25.53
C GLU A 263 -9.93 8.45 25.33
N ASP A 264 -8.85 8.05 24.67
CA ASP A 264 -7.66 8.91 24.52
C ASP A 264 -7.24 8.92 23.06
N PRO A 265 -7.74 9.86 22.27
CA PRO A 265 -7.33 9.93 20.85
C PRO A 265 -5.84 10.23 20.65
N GLY A 266 -5.12 10.66 21.68
CA GLY A 266 -3.67 10.77 21.61
C GLY A 266 -2.96 9.45 21.35
N LEU A 267 -3.66 8.33 21.45
CA LEU A 267 -3.14 7.00 21.15
C LEU A 267 -3.22 6.67 19.68
N ALA A 268 -3.84 7.54 18.88
CA ALA A 268 -4.05 7.23 17.47
C ALA A 268 -2.74 6.98 16.71
N PRO A 269 -1.68 7.79 16.87
CA PRO A 269 -0.41 7.45 16.18
C PRO A 269 0.07 6.05 16.50
N ALA A 270 0.08 5.68 17.77
CA ALA A 270 0.46 4.32 18.15
C ALA A 270 -0.47 3.29 17.51
N ALA A 271 -1.78 3.53 17.55
CA ALA A 271 -2.73 2.62 16.93
C ALA A 271 -2.42 2.45 15.43
N VAL A 272 -2.14 3.57 14.74
CA VAL A 272 -1.87 3.53 13.30
C VAL A 272 -0.64 2.70 13.00
N GLU A 273 0.40 2.79 13.83
CA GLU A 273 1.58 1.97 13.59
C GLU A 273 1.28 0.48 13.81
N GLU A 274 0.45 0.16 14.81
CA GLU A 274 0.03 -1.23 15.01
C GLU A 274 -0.84 -1.71 13.87
N ILE A 275 -1.72 -0.84 13.37
CA ILE A 275 -2.58 -1.19 12.25
C ILE A 275 -1.75 -1.50 11.01
N LEU A 276 -0.76 -0.64 10.71
CA LEU A 276 0.10 -0.90 9.55
C LEU A 276 0.87 -2.21 9.71
N ARG A 277 1.36 -2.46 10.93
CA ARG A 277 2.16 -3.64 11.20
C ARG A 277 1.35 -4.92 11.08
N LEU A 278 0.14 -4.92 11.65
CA LEU A 278 -0.69 -6.12 11.68
C LEU A 278 -1.65 -6.23 10.51
N GLY A 279 -1.87 -5.15 9.77
CA GLY A 279 -2.88 -5.14 8.72
C GLY A 279 -2.49 -5.88 7.46
N VAL A 280 -2.80 -7.17 7.43
CA VAL A 280 -2.57 -8.05 6.29
C VAL A 280 -3.86 -8.83 6.04
N GLY A 281 -4.35 -8.82 4.80
CA GLY A 281 -5.63 -9.41 4.46
C GLY A 281 -5.49 -10.68 3.65
N GLY A 282 -6.43 -11.61 3.87
CA GLY A 282 -6.53 -12.81 3.03
C GLY A 282 -5.24 -13.62 2.98
N LYS A 283 -4.85 -14.04 1.77
CA LYS A 283 -3.60 -14.75 1.55
C LYS A 283 -2.39 -13.82 1.55
N GLY A 284 -2.59 -12.51 1.68
CA GLY A 284 -1.48 -11.59 1.90
C GLY A 284 -0.46 -11.51 0.78
N SER A 285 -0.87 -11.74 -0.47
CA SER A 285 0.08 -11.68 -1.58
C SER A 285 0.60 -10.26 -1.78
N ASN A 286 -0.18 -9.25 -1.37
CA ASN A 286 0.29 -7.87 -1.45
C ASN A 286 1.30 -7.54 -0.36
N ALA A 287 1.46 -8.39 0.65
CA ALA A 287 2.47 -8.17 1.69
C ALA A 287 3.80 -8.81 1.32
N LEU A 288 4.07 -8.93 0.03
CA LEU A 288 5.35 -9.41 -0.49
C LEU A 288 5.92 -8.35 -1.40
N ILE A 289 7.15 -7.94 -1.15
CA ILE A 289 7.86 -7.01 -2.03
C ILE A 289 8.74 -7.84 -2.96
N PRO A 290 8.52 -7.80 -4.27
CA PRO A 290 9.31 -8.63 -5.18
C PRO A 290 10.58 -7.96 -5.65
N ARG A 291 11.62 -8.77 -5.84
CA ARG A 291 12.94 -8.30 -6.27
C ARG A 291 13.61 -9.37 -7.14
N TYR A 292 14.62 -8.94 -7.88
CA TYR A 292 15.58 -9.82 -8.53
C TYR A 292 16.99 -9.51 -8.04
N ALA A 293 17.80 -10.55 -7.87
CA ALA A 293 19.20 -10.34 -7.53
C ALA A 293 19.97 -9.87 -8.76
N HIS A 294 20.66 -8.75 -8.63
CA HIS A 294 21.56 -8.28 -9.69
C HIS A 294 23.01 -8.66 -9.42
N GLY A 295 23.29 -9.23 -8.24
CA GLY A 295 24.56 -9.86 -7.94
C GLY A 295 24.29 -10.94 -6.92
N ASP A 296 25.30 -11.77 -6.67
CA ASP A 296 25.16 -12.84 -5.68
C ASP A 296 25.08 -12.25 -4.28
N ILE A 297 24.20 -12.81 -3.46
CA ILE A 297 23.96 -12.37 -2.08
C ILE A 297 23.83 -13.61 -1.20
N THR A 298 24.56 -13.63 -0.09
CA THR A 298 24.42 -14.71 0.87
C THR A 298 23.49 -14.29 2.00
N VAL A 299 22.50 -15.12 2.29
CA VAL A 299 21.51 -14.86 3.33
C VAL A 299 21.59 -16.03 4.31
N GLY A 300 22.13 -15.78 5.48
CA GLY A 300 22.40 -16.88 6.38
C GLY A 300 23.39 -17.83 5.71
N GLU A 301 22.94 -19.06 5.44
CA GLU A 301 23.74 -20.04 4.73
C GLU A 301 23.21 -20.32 3.34
N THR A 302 22.36 -19.44 2.81
CA THR A 302 21.77 -19.61 1.50
C THR A 302 22.37 -18.60 0.53
N VAL A 303 22.72 -19.06 -0.67
CA VAL A 303 23.28 -18.22 -1.71
C VAL A 303 22.18 -17.87 -2.72
N ILE A 304 21.82 -16.60 -2.76
CA ILE A 304 20.96 -16.07 -3.81
C ILE A 304 21.86 -15.69 -4.99
N ARG A 305 21.63 -16.30 -6.15
CA ARG A 305 22.45 -16.09 -7.32
C ARG A 305 21.89 -14.97 -8.19
N THR A 306 22.77 -14.27 -8.89
CA THR A 306 22.35 -13.25 -9.84
C THR A 306 21.25 -13.79 -10.75
N GLY A 307 20.16 -13.03 -10.85
CA GLY A 307 19.04 -13.43 -11.68
C GLY A 307 17.89 -14.08 -10.93
N ASP A 308 18.12 -14.53 -9.69
CA ASP A 308 17.03 -15.15 -8.93
C ASP A 308 16.00 -14.14 -8.49
N ALA A 309 14.75 -14.61 -8.44
CA ALA A 309 13.65 -13.83 -7.88
C ALA A 309 13.61 -14.01 -6.36
N VAL A 310 13.27 -12.93 -5.67
CA VAL A 310 13.21 -12.96 -4.21
C VAL A 310 11.90 -12.29 -3.80
N MET A 311 11.18 -12.93 -2.87
CA MET A 311 9.95 -12.37 -2.31
C MET A 311 10.23 -11.95 -0.88
N LEU A 312 10.23 -10.66 -0.62
CA LEU A 312 10.53 -10.14 0.71
C LEU A 312 9.20 -9.96 1.44
N ALA A 313 8.94 -10.84 2.41
CA ALA A 313 7.62 -10.93 3.05
C ALA A 313 7.55 -9.92 4.20
N ILE A 314 7.19 -8.68 3.84
CA ILE A 314 7.10 -7.63 4.85
C ILE A 314 5.99 -7.92 5.85
N GLY A 315 4.91 -8.56 5.40
CA GLY A 315 3.84 -8.93 6.34
C GLY A 315 4.30 -9.93 7.39
N ALA A 316 4.90 -11.04 6.95
CA ALA A 316 5.43 -12.01 7.91
C ALA A 316 6.51 -11.39 8.81
N ALA A 317 7.39 -10.57 8.23
CA ALA A 317 8.42 -9.92 9.06
C ALA A 317 7.79 -9.00 10.11
N ASN A 318 6.69 -8.35 9.77
CA ASN A 318 6.02 -7.48 10.74
C ASN A 318 5.35 -8.26 11.87
N TYR A 319 5.06 -9.55 11.65
CA TYR A 319 4.56 -10.44 12.69
C TYR A 319 5.66 -11.19 13.44
N ASP A 320 6.93 -10.90 13.14
CA ASP A 320 8.02 -11.75 13.61
C ASP A 320 8.25 -11.54 15.10
N ASP A 321 8.05 -12.61 15.89
CA ASP A 321 8.29 -12.55 17.34
C ASP A 321 9.68 -12.04 17.67
N ARG A 322 10.66 -12.26 16.78
CA ARG A 322 12.03 -11.81 17.04
C ARG A 322 12.13 -10.29 17.03
N ALA A 323 11.24 -9.63 16.33
CA ALA A 323 11.24 -8.18 16.28
C ALA A 323 10.17 -7.55 17.15
N PHE A 324 9.03 -8.22 17.33
CA PHE A 324 7.90 -7.67 18.07
C PHE A 324 7.43 -8.74 19.04
N PRO A 325 7.68 -8.58 20.34
CA PRO A 325 7.23 -9.59 21.31
C PRO A 325 5.73 -9.80 21.22
N ASP A 326 5.31 -11.06 21.24
CA ASP A 326 3.92 -11.43 20.92
C ASP A 326 3.48 -10.79 19.61
N GLY A 327 4.19 -11.15 18.54
CA GLY A 327 4.04 -10.42 17.29
C GLY A 327 2.63 -10.44 16.72
N GLY A 328 1.87 -11.49 16.99
CA GLY A 328 0.49 -11.59 16.57
C GLY A 328 -0.52 -10.78 17.36
N LEU A 329 -0.11 -10.09 18.43
CA LEU A 329 -1.05 -9.37 19.28
C LEU A 329 -1.09 -7.88 18.92
N PHE A 330 -2.31 -7.34 18.85
CA PHE A 330 -2.53 -5.91 18.69
C PHE A 330 -2.36 -5.23 20.05
N ASP A 331 -1.33 -4.39 20.17
CA ASP A 331 -1.02 -3.74 21.45
C ASP A 331 -0.54 -2.32 21.15
N LEU A 332 -1.43 -1.34 21.32
CA LEU A 332 -1.03 0.03 21.06
C LEU A 332 -0.27 0.64 22.23
N THR A 333 0.07 -0.15 23.24
CA THR A 333 0.90 0.30 24.35
C THR A 333 2.34 -0.21 24.26
N ARG A 334 2.74 -0.81 23.13
CA ARG A 334 4.13 -1.24 22.97
C ARG A 334 5.08 -0.09 23.25
N VAL A 335 6.12 -0.37 24.03
CA VAL A 335 7.14 0.62 24.31
C VAL A 335 8.20 0.56 23.22
N ARG A 336 8.41 1.67 22.53
CA ARG A 336 9.40 1.82 21.47
C ARG A 336 9.40 0.61 20.53
N PRO A 337 8.26 0.32 19.88
CA PRO A 337 8.26 -0.80 18.94
C PRO A 337 9.21 -0.52 17.80
N ARG A 338 9.86 -1.58 17.30
CA ARG A 338 10.68 -1.46 16.10
C ARG A 338 9.83 -0.88 14.96
N SER A 339 10.51 -0.17 14.05
CA SER A 339 9.84 0.34 12.85
C SER A 339 9.34 -0.81 11.98
N HIS A 340 8.05 -0.83 11.72
CA HIS A 340 7.51 -1.89 10.89
C HIS A 340 7.97 -1.69 9.44
N LEU A 341 7.68 -2.69 8.60
CA LEU A 341 8.10 -2.70 7.21
C LEU A 341 6.94 -2.49 6.24
N ALA A 342 5.78 -2.05 6.72
CA ALA A 342 4.60 -1.96 5.85
C ALA A 342 4.79 -0.96 4.71
N PHE A 343 5.65 0.04 4.89
CA PHE A 343 5.99 0.97 3.82
C PHE A 343 7.26 0.59 3.07
N GLY A 344 7.80 -0.58 3.35
CA GLY A 344 9.08 -0.91 2.75
C GLY A 344 10.24 -0.28 3.51
N HIS A 345 11.35 -0.14 2.80
CA HIS A 345 12.63 0.26 3.39
C HIS A 345 13.66 0.37 2.29
N GLY A 346 14.67 1.22 2.46
CA GLY A 346 15.73 1.31 1.47
C GLY A 346 15.33 2.16 0.27
N ALA A 347 15.87 1.78 -0.89
CA ALA A 347 15.81 2.62 -2.10
C ALA A 347 14.39 2.98 -2.49
N ARG A 348 13.41 2.10 -2.26
CA ARG A 348 12.05 2.36 -2.74
C ARG A 348 11.06 2.60 -1.60
N HIS A 349 11.56 2.95 -0.41
CA HIS A 349 10.74 3.32 0.74
C HIS A 349 9.61 4.27 0.32
N CYS A 350 8.39 3.90 0.68
CA CYS A 350 7.17 4.54 0.18
C CYS A 350 7.25 6.05 0.25
N ILE A 351 7.06 6.71 -0.90
CA ILE A 351 7.18 8.17 -0.93
C ILE A 351 6.01 8.84 -0.19
N GLY A 352 4.84 8.22 -0.17
CA GLY A 352 3.67 8.83 0.45
C GLY A 352 3.47 8.53 1.93
N ARG A 353 4.44 7.90 2.59
CA ARG A 353 4.17 7.28 3.89
C ARG A 353 3.79 8.30 4.96
N THR A 354 4.33 9.52 4.90
CA THR A 354 3.94 10.51 5.90
C THR A 354 2.52 11.00 5.67
N LEU A 355 2.13 11.18 4.41
CA LEU A 355 0.75 11.52 4.10
C LEU A 355 -0.21 10.40 4.50
N ALA A 356 0.15 9.15 4.20
CA ALA A 356 -0.71 8.03 4.55
C ALA A 356 -0.91 7.96 6.06
N ARG A 357 0.16 8.17 6.84
CA ARG A 357 0.04 8.21 8.30
C ARG A 357 -0.87 9.35 8.76
N ILE A 358 -0.81 10.50 8.10
CA ILE A 358 -1.67 11.62 8.45
C ILE A 358 -3.13 11.25 8.23
N GLU A 359 -3.44 10.61 7.10
CA GLU A 359 -4.82 10.20 6.81
C GLU A 359 -5.32 9.19 7.85
N LEU A 360 -4.54 8.13 8.09
CA LEU A 360 -4.96 7.09 9.02
C LEU A 360 -5.10 7.63 10.44
N THR A 361 -4.19 8.51 10.86
CA THR A 361 -4.28 9.11 12.19
C THR A 361 -5.56 9.94 12.33
N ALA A 362 -5.89 10.74 11.31
CA ALA A 362 -7.09 11.56 11.40
C ALA A 362 -8.35 10.70 11.49
N VAL A 363 -8.36 9.56 10.79
CA VAL A 363 -9.54 8.68 10.83
C VAL A 363 -9.68 8.05 12.21
N PHE A 364 -8.61 7.43 12.71
CA PHE A 364 -8.73 6.64 13.93
C PHE A 364 -8.62 7.47 15.20
N GLU A 365 -8.24 8.75 15.08
CA GLU A 365 -8.48 9.71 16.17
C GLU A 365 -9.96 9.83 16.47
N ARG A 366 -10.79 9.69 15.44
CA ARG A 366 -12.19 10.12 15.44
C ARG A 366 -13.20 8.98 15.45
N LEU A 367 -12.90 7.88 14.75
CA LEU A 367 -13.91 6.90 14.36
C LEU A 367 -14.71 6.41 15.56
N PHE A 368 -14.04 5.79 16.53
CA PHE A 368 -14.76 5.15 17.63
C PHE A 368 -15.15 6.13 18.72
N ARG A 369 -14.63 7.35 18.68
CA ARG A 369 -15.15 8.40 19.55
C ARG A 369 -16.46 8.94 19.00
N ARG A 370 -16.57 9.05 17.68
CA ARG A 370 -17.79 9.58 17.06
C ARG A 370 -18.87 8.50 16.94
N LEU A 371 -18.48 7.24 16.69
CA LEU A 371 -19.44 6.13 16.60
C LEU A 371 -19.02 5.00 17.52
N PRO A 372 -19.28 5.15 18.82
CA PRO A 372 -18.77 4.18 19.80
C PRO A 372 -19.31 2.78 19.63
N ASP A 373 -20.54 2.63 19.16
CA ASP A 373 -21.15 1.31 19.00
C ASP A 373 -20.95 0.73 17.62
N LEU A 374 -20.06 1.30 16.81
CA LEU A 374 -19.84 0.78 15.47
C LEU A 374 -19.42 -0.70 15.53
N ARG A 375 -20.02 -1.52 14.68
CA ARG A 375 -19.63 -2.91 14.61
C ARG A 375 -20.06 -3.48 13.26
N LEU A 376 -19.47 -4.62 12.91
CA LEU A 376 -19.86 -5.32 11.69
C LEU A 376 -21.35 -5.70 11.73
N ALA A 377 -22.01 -5.56 10.58
CA ALA A 377 -23.39 -5.99 10.42
C ALA A 377 -23.49 -7.39 9.81
N VAL A 378 -22.37 -7.96 9.39
CA VAL A 378 -22.30 -9.30 8.81
C VAL A 378 -21.16 -10.04 9.52
N PRO A 379 -21.14 -11.37 9.43
CA PRO A 379 -20.00 -12.12 9.98
C PRO A 379 -18.69 -11.77 9.27
N GLU A 380 -17.60 -11.84 10.06
CA GLU A 380 -16.26 -11.61 9.51
C GLU A 380 -15.97 -12.53 8.32
N GLU A 381 -16.41 -13.78 8.41
CA GLU A 381 -16.12 -14.81 7.40
C GLU A 381 -16.85 -14.57 6.08
N SER A 382 -17.83 -13.67 6.04
CA SER A 382 -18.45 -13.28 4.80
C SER A 382 -17.68 -12.18 4.07
N LEU A 383 -16.70 -11.57 4.73
CA LEU A 383 -15.89 -10.54 4.07
C LEU A 383 -14.92 -11.20 3.09
N ARG A 384 -14.87 -10.68 1.85
CA ARG A 384 -14.17 -11.35 0.74
C ARG A 384 -12.96 -10.55 0.31
N TRP A 385 -11.76 -11.05 0.61
CA TRP A 385 -10.51 -10.43 0.16
C TRP A 385 -10.28 -10.75 -1.31
N GLN A 386 -9.91 -9.73 -2.10
CA GLN A 386 -9.90 -9.87 -3.55
C GLN A 386 -8.50 -10.25 -4.02
N GLU A 387 -8.27 -11.57 -4.12
CA GLU A 387 -6.92 -12.09 -4.35
C GLU A 387 -6.37 -11.73 -5.73
N HIS A 388 -7.25 -11.53 -6.73
CA HIS A 388 -6.77 -11.27 -8.09
C HIS A 388 -6.17 -9.88 -8.27
N ARG A 389 -6.43 -8.94 -7.37
CA ARG A 389 -5.89 -7.60 -7.49
C ARG A 389 -4.54 -7.50 -6.77
N ILE A 390 -3.56 -6.86 -7.41
CA ILE A 390 -2.24 -6.74 -6.76
C ILE A 390 -2.40 -6.10 -5.38
N THR A 391 -3.30 -5.13 -5.26
CA THR A 391 -3.53 -4.43 -3.99
C THR A 391 -4.59 -5.11 -3.11
N GLY A 392 -5.12 -6.27 -3.48
CA GLY A 392 -6.03 -6.99 -2.59
C GLY A 392 -7.26 -6.16 -2.23
N GLY A 393 -7.57 -6.13 -0.93
CA GLY A 393 -8.66 -5.33 -0.40
C GLY A 393 -9.99 -6.07 -0.31
N PHE A 394 -10.90 -5.51 0.50
CA PHE A 394 -12.29 -5.95 0.56
C PHE A 394 -13.17 -5.05 -0.32
N ASP A 395 -14.24 -5.63 -0.87
CA ASP A 395 -15.15 -4.86 -1.73
C ASP A 395 -16.23 -4.11 -0.95
N GLU A 396 -16.49 -4.47 0.31
CA GLU A 396 -17.50 -3.82 1.12
C GLU A 396 -17.26 -4.21 2.57
N ILE A 397 -17.67 -3.33 3.47
CA ILE A 397 -17.57 -3.57 4.91
C ILE A 397 -18.90 -3.13 5.52
N PRO A 398 -19.90 -4.01 5.58
CA PRO A 398 -21.22 -3.61 6.14
C PRO A 398 -21.14 -3.42 7.65
N VAL A 399 -21.65 -2.28 8.14
CA VAL A 399 -21.58 -1.98 9.55
C VAL A 399 -22.94 -1.50 10.08
N THR A 400 -23.09 -1.60 11.39
CA THR A 400 -24.14 -0.92 12.13
C THR A 400 -23.48 -0.13 13.27
N PHE A 401 -24.26 0.73 13.92
CA PHE A 401 -23.71 1.64 14.93
C PHE A 401 -24.82 2.27 15.79
CHA HEM B . 6.11 2.56 -2.69
CHB HEM B . 3.19 0.92 0.82
CHC HEM B . 0.43 4.86 0.44
CHD HEM B . 3.25 6.49 -3.15
C1A HEM B . 5.60 1.79 -1.68
C2A HEM B . 6.18 0.55 -1.17
C3A HEM B . 5.36 0.11 -0.19
C4A HEM B . 4.24 1.04 -0.06
CMA HEM B . 5.52 -1.19 0.64
CAA HEM B . 7.51 -0.11 -1.65
CBA HEM B . 7.34 -1.09 -2.82
CGA HEM B . 8.65 -1.75 -3.19
O1A HEM B . 9.68 -1.54 -2.47
O2A HEM B . 8.69 -2.49 -4.21
C1B HEM B . 2.18 1.81 1.06
C2B HEM B . 1.13 1.75 2.07
C3B HEM B . 0.37 2.84 1.93
C4B HEM B . 0.93 3.64 0.86
CMB HEM B . 0.92 0.60 3.11
CAB HEM B . -0.87 3.35 2.72
CBB HEM B . -1.13 3.02 3.99
C1C HEM B . 0.98 5.68 -0.51
C2C HEM B . 0.55 7.03 -0.79
C3C HEM B . 1.33 7.50 -1.78
C4C HEM B . 2.26 6.44 -2.17
CMC HEM B . -0.61 7.74 0.00
CAC HEM B . 1.29 8.89 -2.48
CBC HEM B . 0.22 9.71 -2.47
C1D HEM B . 4.23 5.54 -3.37
C2D HEM B . 5.20 5.56 -4.45
C3D HEM B . 5.99 4.47 -4.35
C4D HEM B . 5.54 3.72 -3.18
CMD HEM B . 5.26 6.66 -5.53
CAD HEM B . 7.16 4.06 -5.25
CBD HEM B . 8.50 4.38 -4.56
CGD HEM B . 9.66 3.81 -5.35
O1D HEM B . 10.77 4.38 -5.23
O2D HEM B . 9.46 2.80 -6.10
NA HEM B . 4.43 2.05 -0.99
NB HEM B . 2.01 2.98 0.35
NC HEM B . 2.02 5.35 -1.38
ND HEM B . 4.48 4.40 -2.64
FE HEM B . 3.33 3.78 -1.01
C1 7DF C . 3.35 -0.33 -3.06
C2 7DF C . 2.81 -0.51 -4.49
C3 7DF C . 3.12 -2.00 -4.77
C4 7DF C . 2.84 -2.74 -3.40
C5 7DF C . 1.39 -3.24 -3.18
C6 7DF C . 1.23 -3.04 -1.66
C9 7DF C . 3.82 -3.95 -3.31
C10 7DF C . 4.38 -4.43 -1.99
C11 7DF C . 3.53 -4.88 -4.33
C15 7DF C . 3.63 0.39 -5.44
C14 7DF C . 1.32 -0.14 -4.66
C12 7DF C . 1.24 -4.75 -3.50
C7 7DF C . 1.68 -1.59 -1.56
C13 7DF C . -0.20 -3.21 -1.12
C8 7DF C . 3.04 -1.66 -2.30
O4 7DF C . -1.15 -2.92 -1.87
O2 7DF C . 4.41 -5.27 -5.10
O5 7DF C . -0.33 -3.62 0.06
O3 7DF C . 2.20 -5.23 -4.50
O1 7DF C . 5.20 -3.75 -3.00
#